data_1T9H
#
_entry.id   1T9H
#
_cell.length_a   47.970
_cell.length_b   47.970
_cell.length_c   279.890
_cell.angle_alpha   90.00
_cell.angle_beta   90.00
_cell.angle_gamma   90.00
#
_symmetry.space_group_name_H-M   'P 43 21 2'
#
loop_
_entity.id
_entity.type
_entity.pdbx_description
1 polymer 'Probable GTPase engC'
2 non-polymer 'URANYL (VI) ION'
3 non-polymer 'ZINC ION'
4 non-polymer 'CALCIUM ION'
5 non-polymer 'ACETATE ION'
6 water water
#
_entity_poly.entity_id   1
_entity_poly.type   'polypeptide(L)'
_entity_poly.pdbx_seq_one_letter_code
;MARHHHHHHMPEGKIIKALSGFYYVLDESEDSDKVIQCRGRGIFRKNKITPLVGDYVVYQAENDKEGYLMEIKERTNELI
RPPICNVDQAVLVFSAVQPSFSTALLDRFLVLVEANDIQPIICITKMDLIEDQDTEDTIQAYAEDYRNIGYDVYLTSSKD
QDSLADIIPHFQDKTTVFAGQSGVGKSSLLNAISPELGLRTNEISEHLGRGKHTTRHVELIHTSGGLVADTPGFSSLEFT
DIEEEELGYTFPDIREKSSSCKFRGCLHLKEPKCAVKQAVEDGELKQYRYDHYVEFMTEIKDRKPRY
;
_entity_poly.pdbx_strand_id   A
#
loop_
_chem_comp.id
_chem_comp.type
_chem_comp.name
_chem_comp.formula
ACT non-polymer 'ACETATE ION' 'C2 H3 O2 -1'
CA non-polymer 'CALCIUM ION' 'Ca 2'
IUM non-polymer 'URANYL (VI) ION' 'O2 U 2'
ZN non-polymer 'ZINC ION' 'Zn 2'
#
# COMPACT_ATOMS: atom_id res chain seq x y z
N ALA A 2 -9.07 38.61 20.01
CA ALA A 2 -9.82 37.35 20.29
C ALA A 2 -10.25 36.67 18.99
N ARG A 3 -10.56 35.38 19.08
CA ARG A 3 -10.93 34.57 17.92
C ARG A 3 -12.37 34.92 17.57
N HIS A 4 -12.62 35.17 16.28
CA HIS A 4 -13.99 35.35 15.82
C HIS A 4 -14.10 35.00 14.36
N HIS A 5 -15.30 34.62 13.98
CA HIS A 5 -15.62 34.25 12.59
C HIS A 5 -14.71 33.20 11.95
N HIS A 6 -14.30 32.26 12.78
CA HIS A 6 -13.49 31.12 12.39
C HIS A 6 -14.11 30.32 11.23
N HIS A 7 -15.43 30.27 11.16
CA HIS A 7 -16.11 29.40 10.20
C HIS A 7 -16.30 30.02 8.81
N HIS A 8 -15.91 31.28 8.67
CA HIS A 8 -16.06 32.00 7.40
C HIS A 8 -14.81 31.88 6.51
N HIS A 9 -14.40 30.64 6.30
CA HIS A 9 -13.38 30.33 5.32
C HIS A 9 -13.70 28.96 4.74
N MET A 10 -12.86 28.50 3.81
CA MET A 10 -13.03 27.22 3.15
C MET A 10 -11.87 26.31 3.54
N PRO A 11 -11.98 25.67 4.70
CA PRO A 11 -10.90 24.81 5.19
C PRO A 11 -10.75 23.53 4.37
N GLU A 12 -9.63 22.86 4.56
CA GLU A 12 -9.34 21.61 3.89
C GLU A 12 -9.05 20.53 4.90
N GLY A 13 -9.31 19.29 4.51
CA GLY A 13 -9.04 18.15 5.36
C GLY A 13 -9.13 16.87 4.56
N LYS A 14 -9.12 15.76 5.27
CA LYS A 14 -9.16 14.42 4.68
C LYS A 14 -10.32 13.63 5.29
N ILE A 15 -11.09 12.96 4.44
CA ILE A 15 -12.13 12.05 4.95
C ILE A 15 -11.49 10.84 5.61
N ILE A 16 -11.78 10.64 6.89
CA ILE A 16 -11.24 9.51 7.65
C ILE A 16 -12.27 8.42 7.99
N LYS A 17 -13.56 8.74 7.81
CA LYS A 17 -14.64 7.79 8.05
C LYS A 17 -15.82 8.22 7.17
N ALA A 18 -16.55 7.23 6.66
CA ALA A 18 -17.72 7.48 5.83
C ALA A 18 -18.73 6.45 6.26
N LEU A 19 -19.82 6.91 6.86
CA LEU A 19 -20.79 5.98 7.43
C LEU A 19 -22.17 6.60 7.42
N SER A 20 -23.11 5.82 6.88
CA SER A 20 -24.53 6.11 6.97
C SER A 20 -24.96 7.49 6.51
N GLY A 21 -24.29 7.99 5.47
CA GLY A 21 -24.62 9.27 4.89
C GLY A 21 -23.80 10.46 5.39
N PHE A 22 -22.85 10.21 6.29
CA PHE A 22 -21.94 11.25 6.77
C PHE A 22 -20.51 10.94 6.39
N TYR A 23 -19.70 11.99 6.30
CA TYR A 23 -18.29 11.92 5.99
C TYR A 23 -17.56 12.70 7.08
N TYR A 24 -16.63 12.04 7.75
CA TYR A 24 -15.95 12.65 8.89
C TYR A 24 -14.60 13.12 8.42
N VAL A 25 -14.38 14.43 8.54
CA VAL A 25 -13.23 15.12 7.95
C VAL A 25 -12.28 15.53 9.05
N LEU A 26 -11.04 15.07 8.94
CA LEU A 26 -9.97 15.46 9.85
C LEU A 26 -9.29 16.72 9.32
N ASP A 27 -9.25 17.73 10.16
CA ASP A 27 -8.64 19.01 9.82
C ASP A 27 -7.54 19.29 10.85
N GLU A 28 -6.29 19.22 10.38
CA GLU A 28 -5.10 19.47 11.19
C GLU A 28 -4.64 20.95 11.09
N SER A 29 -5.30 21.74 10.24
CA SER A 29 -4.83 23.10 9.91
C SER A 29 -5.37 24.17 10.85
N GLU A 30 -4.95 24.07 12.11
CA GLU A 30 -5.16 25.08 13.15
C GLU A 30 -4.65 24.38 14.39
N ASP A 31 -4.37 25.11 15.46
CA ASP A 31 -3.92 24.50 16.72
C ASP A 31 -4.68 23.19 17.03
N SER A 32 -5.96 23.16 16.68
CA SER A 32 -6.84 22.01 16.92
C SER A 32 -6.55 20.79 16.04
N ASP A 33 -6.76 19.60 16.62
CA ASP A 33 -7.07 18.40 15.85
C ASP A 33 -8.56 18.22 15.97
N LYS A 34 -9.27 18.45 14.86
CA LYS A 34 -10.73 18.45 14.85
C LYS A 34 -11.25 17.50 13.79
N VAL A 35 -12.29 16.74 14.14
CA VAL A 35 -13.01 15.90 13.20
C VAL A 35 -14.43 16.45 13.02
N ILE A 36 -14.76 16.80 11.78
CA ILE A 36 -15.99 17.49 11.43
C ILE A 36 -16.91 16.51 10.68
N GLN A 37 -18.11 16.32 11.22
CA GLN A 37 -19.14 15.48 10.61
C GLN A 37 -19.77 16.27 9.45
N CYS A 38 -19.67 15.76 8.23
CA CYS A 38 -20.17 16.48 7.04
C CYS A 38 -21.19 15.68 6.23
N ARG A 39 -22.09 16.41 5.57
CA ARG A 39 -22.94 15.87 4.49
C ARG A 39 -22.23 16.15 3.20
N GLY A 40 -22.49 15.36 2.17
CA GLY A 40 -21.77 15.51 0.91
C GLY A 40 -22.50 16.32 -0.13
N ARG A 41 -23.63 16.90 0.27
CA ARG A 41 -24.70 17.19 -0.66
C ARG A 41 -24.94 18.67 -0.93
N GLY A 42 -24.65 19.51 0.08
CA GLY A 42 -24.91 20.94 0.00
C GLY A 42 -24.28 21.73 -1.13
N ILE A 43 -23.52 21.06 -1.99
CA ILE A 43 -22.86 21.70 -3.14
C ILE A 43 -22.54 20.55 -4.09
N PHE A 44 -21.78 19.61 -3.75
CA PHE A 44 -20.82 18.87 -4.57
C PHE A 44 -21.40 18.14 -5.79
N ARG A 45 -22.56 18.62 -6.27
CA ARG A 45 -23.21 18.04 -7.43
C ARG A 45 -23.89 19.17 -8.23
N LYS A 46 -24.08 19.02 -9.55
CA LYS A 46 -23.92 17.77 -10.31
C LYS A 46 -22.48 17.24 -10.33
N ASN A 47 -22.29 16.10 -9.67
CA ASN A 47 -21.02 15.38 -9.60
C ASN A 47 -21.27 14.13 -8.77
N LYS A 48 -21.66 13.05 -9.45
CA LYS A 48 -22.17 11.85 -8.80
C LYS A 48 -21.09 11.02 -8.11
N ILE A 49 -19.83 11.38 -8.31
CA ILE A 49 -18.70 10.71 -7.65
C ILE A 49 -18.95 10.54 -6.15
N THR A 50 -18.88 9.31 -5.67
CA THR A 50 -19.02 9.05 -4.25
C THR A 50 -17.74 9.45 -3.53
N PRO A 51 -17.84 10.21 -2.45
CA PRO A 51 -16.66 10.48 -1.64
C PRO A 51 -16.17 9.19 -1.01
N LEU A 52 -14.85 9.10 -0.82
CA LEU A 52 -14.21 7.92 -0.27
C LEU A 52 -13.35 8.32 0.92
N VAL A 53 -13.20 7.38 1.85
CA VAL A 53 -12.22 7.48 2.90
C VAL A 53 -10.84 7.69 2.24
N GLY A 54 -10.13 8.71 2.72
CA GLY A 54 -8.86 9.13 2.16
C GLY A 54 -8.92 10.33 1.24
N ASP A 55 -10.13 10.72 0.82
CA ASP A 55 -10.27 11.90 -0.05
C ASP A 55 -9.72 13.14 0.63
N TYR A 56 -9.04 13.98 -0.15
CA TYR A 56 -8.68 15.32 0.30
C TYR A 56 -9.82 16.22 -0.16
N VAL A 57 -10.39 16.98 0.77
CA VAL A 57 -11.59 17.75 0.48
C VAL A 57 -11.47 19.20 0.93
N VAL A 58 -12.26 20.06 0.27
CA VAL A 58 -12.57 21.39 0.79
C VAL A 58 -13.97 21.25 1.40
N TYR A 59 -14.14 21.75 2.60
CA TYR A 59 -15.44 21.70 3.25
C TYR A 59 -15.78 23.04 3.90
N GLN A 60 -17.05 23.21 4.22
CA GLN A 60 -17.55 24.38 4.93
C GLN A 60 -18.31 23.87 6.15
N ALA A 61 -18.11 24.54 7.28
CA ALA A 61 -18.79 24.18 8.52
C ALA A 61 -18.98 25.40 9.40
N GLU A 62 -20.16 25.50 10.01
CA GLU A 62 -20.53 26.58 10.90
C GLU A 62 -20.67 26.07 12.33
N ASN A 63 -20.71 26.99 13.28
CA ASN A 63 -20.74 26.65 14.70
C ASN A 63 -21.92 25.75 15.02
N ASP A 64 -21.65 24.67 15.75
CA ASP A 64 -22.67 23.73 16.22
C ASP A 64 -23.64 23.29 15.11
N LYS A 65 -23.07 23.02 13.94
CA LYS A 65 -23.83 22.55 12.78
C LYS A 65 -22.95 21.54 12.03
N GLU A 66 -23.59 20.64 11.30
CA GLU A 66 -22.88 19.70 10.44
C GLU A 66 -22.21 20.48 9.30
N GLY A 67 -21.08 19.97 8.83
CA GLY A 67 -20.41 20.52 7.67
C GLY A 67 -20.94 20.02 6.35
N TYR A 68 -20.36 20.54 5.27
CA TYR A 68 -20.72 20.17 3.91
C TYR A 68 -19.45 20.06 3.08
N LEU A 69 -19.29 18.94 2.38
CA LEU A 69 -18.16 18.80 1.44
C LEU A 69 -18.39 19.74 0.26
N MET A 70 -17.35 20.51 -0.11
CA MET A 70 -17.44 21.47 -1.23
C MET A 70 -16.78 20.98 -2.50
N GLU A 71 -15.62 20.36 -2.35
CA GLU A 71 -14.82 19.92 -3.48
C GLU A 71 -14.01 18.71 -3.03
N ILE A 72 -13.89 17.72 -3.89
CA ILE A 72 -12.98 16.60 -3.69
C ILE A 72 -11.83 16.80 -4.68
N LYS A 73 -10.60 16.80 -4.15
CA LYS A 73 -9.40 16.94 -4.97
C LYS A 73 -9.15 15.69 -5.81
N GLU A 74 -8.40 15.84 -6.89
CA GLU A 74 -8.10 14.73 -7.76
C GLU A 74 -7.37 13.64 -6.97
N ARG A 75 -7.79 12.38 -7.13
CA ARG A 75 -7.21 11.27 -6.38
C ARG A 75 -5.93 10.77 -7.02
N THR A 76 -4.92 10.50 -6.19
CA THR A 76 -3.65 9.96 -6.66
C THR A 76 -3.76 8.46 -6.95
N ASN A 77 -4.61 7.77 -6.20
CA ASN A 77 -4.87 6.35 -6.41
C ASN A 77 -6.18 5.99 -5.71
N GLU A 78 -6.65 4.77 -5.93
CA GLU A 78 -7.92 4.31 -5.37
C GLU A 78 -7.90 2.80 -5.31
N LEU A 79 -8.11 2.25 -4.12
CA LEU A 79 -8.25 0.82 -3.92
C LEU A 79 -9.71 0.48 -3.88
N ILE A 80 -10.04 -0.74 -4.28
CA ILE A 80 -11.44 -1.14 -4.40
C ILE A 80 -11.92 -1.80 -3.12
N ARG A 81 -11.13 -2.71 -2.57
CA ARG A 81 -11.47 -3.36 -1.31
C ARG A 81 -10.23 -3.34 -0.41
N PRO A 82 -10.30 -2.67 0.75
CA PRO A 82 -11.38 -1.75 1.10
C PRO A 82 -11.41 -0.54 0.18
N PRO A 83 -12.54 0.16 0.13
CA PRO A 83 -12.68 1.36 -0.68
C PRO A 83 -11.99 2.54 0.00
N ILE A 84 -10.75 2.80 -0.40
CA ILE A 84 -9.99 3.91 0.13
C ILE A 84 -9.20 4.53 -1.01
N CYS A 85 -8.82 5.78 -0.86
CA CYS A 85 -8.00 6.45 -1.88
C CYS A 85 -6.87 7.28 -1.25
N ASN A 86 -5.97 7.76 -2.10
CA ASN A 86 -4.84 8.58 -1.66
C ASN A 86 -3.97 7.88 -0.61
N VAL A 87 -3.58 6.65 -0.94
CA VAL A 87 -2.74 5.85 -0.06
C VAL A 87 -1.29 6.01 -0.49
N ASP A 88 -0.42 6.34 0.47
CA ASP A 88 0.99 6.56 0.15
C ASP A 88 1.80 5.28 0.21
N GLN A 89 1.49 4.44 1.19
CA GLN A 89 2.36 3.32 1.57
C GLN A 89 1.54 2.10 1.95
N ALA A 90 2.11 0.92 1.73
CA ALA A 90 1.55 -0.33 2.22
C ALA A 90 2.63 -1.07 3.00
N VAL A 91 2.34 -1.40 4.25
CA VAL A 91 3.21 -2.26 5.04
C VAL A 91 2.76 -3.69 4.78
N LEU A 92 3.63 -4.43 4.13
CA LEU A 92 3.38 -5.83 3.78
C LEU A 92 4.03 -6.71 4.81
N VAL A 93 3.20 -7.47 5.54
CA VAL A 93 3.65 -8.28 6.68
C VAL A 93 3.60 -9.79 6.35
N PHE A 94 4.73 -10.45 6.55
CA PHE A 94 4.87 -11.88 6.36
C PHE A 94 5.55 -12.48 7.55
N SER A 95 5.41 -13.79 7.72
CA SER A 95 6.08 -14.48 8.81
C SER A 95 7.33 -15.17 8.28
N ALA A 96 8.37 -15.23 9.11
CA ALA A 96 9.60 -15.94 8.74
C ALA A 96 9.35 -17.45 8.76
N VAL A 97 8.58 -17.87 9.74
CA VAL A 97 8.21 -19.26 9.94
C VAL A 97 6.76 -19.28 10.40
N GLN A 98 6.09 -20.43 10.37
CA GLN A 98 4.73 -20.52 10.88
C GLN A 98 3.74 -19.58 10.14
N PRO A 99 3.65 -19.61 8.81
CA PRO A 99 4.31 -20.56 7.93
C PRO A 99 5.64 -20.07 7.39
N SER A 100 6.35 -20.97 6.72
CA SER A 100 7.64 -20.64 6.13
C SER A 100 7.50 -19.51 5.12
N PHE A 101 8.44 -18.57 5.16
CA PHE A 101 8.44 -17.40 4.27
C PHE A 101 8.51 -17.83 2.80
N SER A 102 7.75 -17.13 1.96
CA SER A 102 7.62 -17.39 0.52
C SER A 102 7.91 -16.12 -0.26
N THR A 103 9.01 -16.10 -1.02
CA THR A 103 9.27 -14.95 -1.90
C THR A 103 8.21 -14.87 -2.99
N ALA A 104 7.64 -16.01 -3.40
CA ALA A 104 6.54 -15.96 -4.35
C ALA A 104 5.35 -15.15 -3.84
N LEU A 105 5.00 -15.31 -2.56
CA LEU A 105 3.87 -14.57 -2.00
C LEU A 105 4.20 -13.09 -1.88
N LEU A 106 5.42 -12.81 -1.38
CA LEU A 106 5.88 -11.45 -1.25
C LEU A 106 5.84 -10.76 -2.60
N ASP A 107 6.40 -11.40 -3.62
CA ASP A 107 6.46 -10.79 -4.96
C ASP A 107 5.06 -10.49 -5.55
N ARG A 108 4.08 -11.36 -5.29
CA ARG A 108 2.71 -11.12 -5.74
C ARG A 108 2.13 -9.85 -5.10
N PHE A 109 2.29 -9.71 -3.79
CA PHE A 109 1.84 -8.50 -3.11
C PHE A 109 2.58 -7.27 -3.58
N LEU A 110 3.90 -7.40 -3.75
CA LEU A 110 4.67 -6.27 -4.28
C LEU A 110 4.12 -5.77 -5.62
N VAL A 111 3.79 -6.71 -6.51
CA VAL A 111 3.27 -6.35 -7.84
C VAL A 111 1.97 -5.56 -7.66
N LEU A 112 1.06 -6.06 -6.82
CA LEU A 112 -0.22 -5.38 -6.62
C LEU A 112 -0.13 -3.98 -6.03
N VAL A 113 0.75 -3.83 -5.06
CA VAL A 113 0.99 -2.55 -4.41
C VAL A 113 1.60 -1.57 -5.42
N GLU A 114 2.66 -2.02 -6.08
CA GLU A 114 3.31 -1.22 -7.11
C GLU A 114 2.35 -0.81 -8.23
N ALA A 115 1.51 -1.74 -8.68
CA ALA A 115 0.56 -1.46 -9.77
C ALA A 115 -0.57 -0.51 -9.37
N ASN A 116 -0.67 -0.21 -8.08
CA ASN A 116 -1.67 0.74 -7.57
C ASN A 116 -1.04 2.08 -7.15
N ASP A 117 0.21 2.30 -7.55
CA ASP A 117 0.85 3.59 -7.37
C ASP A 117 1.07 3.84 -5.87
N ILE A 118 1.41 2.76 -5.15
CA ILE A 118 1.70 2.79 -3.70
C ILE A 118 3.14 2.31 -3.43
N GLN A 119 3.79 2.87 -2.40
CA GLN A 119 5.15 2.44 -1.99
C GLN A 119 5.09 1.26 -1.01
N PRO A 120 5.61 0.10 -1.38
CA PRO A 120 5.71 -1.01 -0.40
C PRO A 120 6.81 -0.81 0.68
N ILE A 121 6.49 -1.23 1.90
CA ILE A 121 7.43 -1.39 3.02
C ILE A 121 7.28 -2.82 3.48
N ILE A 122 8.38 -3.53 3.72
CA ILE A 122 8.33 -4.98 4.03
C ILE A 122 8.67 -5.29 5.48
N CYS A 123 7.83 -6.12 6.08
CA CYS A 123 7.97 -6.53 7.45
C CYS A 123 7.96 -8.04 7.53
N ILE A 124 9.03 -8.64 8.03
CA ILE A 124 9.06 -10.09 8.29
C ILE A 124 9.10 -10.32 9.80
N THR A 125 8.08 -11.00 10.32
CA THR A 125 7.95 -11.18 11.76
C THR A 125 8.12 -12.65 12.15
N LYS A 126 7.91 -12.94 13.43
CA LYS A 126 8.16 -14.24 14.03
C LYS A 126 9.65 -14.67 13.98
N MET A 127 10.55 -13.69 13.90
CA MET A 127 11.99 -13.98 13.90
C MET A 127 12.40 -14.70 15.20
N ASP A 128 11.70 -14.38 16.29
CA ASP A 128 11.93 -15.01 17.58
C ASP A 128 11.64 -16.51 17.61
N LEU A 129 10.81 -17.01 16.68
CA LEU A 129 10.49 -18.43 16.59
C LEU A 129 11.49 -19.28 15.82
N ILE A 130 12.52 -18.66 15.23
CA ILE A 130 13.53 -19.42 14.50
C ILE A 130 14.58 -20.00 15.45
N GLU A 131 14.77 -21.31 15.38
CA GLU A 131 15.79 -22.00 16.17
C GLU A 131 16.94 -22.49 15.29
N ASP A 132 16.64 -22.89 14.06
CA ASP A 132 17.65 -23.41 13.13
C ASP A 132 18.46 -22.26 12.55
N GLN A 133 19.78 -22.36 12.62
CA GLN A 133 20.64 -21.29 12.13
C GLN A 133 20.54 -21.12 10.60
N ASP A 134 20.34 -22.22 9.89
CA ASP A 134 20.18 -22.17 8.43
C ASP A 134 18.91 -21.43 8.04
N THR A 135 17.87 -21.55 8.85
CA THR A 135 16.64 -20.80 8.61
C THR A 135 16.89 -19.31 8.83
N GLU A 136 17.57 -18.97 9.92
CA GLU A 136 17.92 -17.58 10.20
C GLU A 136 18.74 -16.98 9.06
N ASP A 137 19.73 -17.73 8.57
CA ASP A 137 20.61 -17.24 7.52
C ASP A 137 19.84 -17.00 6.22
N THR A 138 18.92 -17.91 5.89
CA THR A 138 18.10 -17.77 4.68
C THR A 138 17.24 -16.53 4.70
N ILE A 139 16.62 -16.25 5.85
CA ILE A 139 15.74 -15.09 5.96
C ILE A 139 16.57 -13.80 5.91
N GLN A 140 17.72 -13.79 6.56
CA GLN A 140 18.60 -12.62 6.48
C GLN A 140 19.04 -12.33 5.04
N ALA A 141 19.31 -13.40 4.28
CA ALA A 141 19.72 -13.26 2.87
C ALA A 141 18.58 -12.68 2.02
N TYR A 142 17.36 -13.18 2.22
CA TYR A 142 16.21 -12.64 1.51
C TYR A 142 16.00 -11.17 1.83
N ALA A 143 16.08 -10.83 3.11
CA ALA A 143 15.97 -9.44 3.52
C ALA A 143 17.01 -8.56 2.84
N GLU A 144 18.25 -9.04 2.73
CA GLU A 144 19.26 -8.23 2.05
C GLU A 144 18.96 -8.11 0.57
N ASP A 145 18.44 -9.17 -0.04
CA ASP A 145 18.05 -9.12 -1.47
C ASP A 145 17.03 -8.01 -1.73
N TYR A 146 16.00 -7.93 -0.89
CA TYR A 146 14.97 -6.93 -1.11
C TYR A 146 15.44 -5.53 -0.75
N ARG A 147 16.31 -5.43 0.26
CA ARG A 147 16.97 -4.15 0.55
C ARG A 147 17.80 -3.67 -0.64
N ASN A 148 18.52 -4.60 -1.29
CA ASN A 148 19.30 -4.28 -2.48
C ASN A 148 18.44 -3.85 -3.71
N ILE A 149 17.21 -4.35 -3.78
CA ILE A 149 16.27 -3.88 -4.80
C ILE A 149 15.84 -2.45 -4.46
N GLY A 150 15.86 -2.14 -3.16
CA GLY A 150 15.63 -0.79 -2.68
C GLY A 150 14.49 -0.63 -1.69
N TYR A 151 13.86 -1.73 -1.31
CA TYR A 151 12.78 -1.69 -0.33
C TYR A 151 13.33 -1.58 1.10
N ASP A 152 12.57 -0.92 1.96
CA ASP A 152 12.83 -0.99 3.38
C ASP A 152 12.31 -2.33 3.86
N VAL A 153 13.14 -3.02 4.64
CA VAL A 153 12.82 -4.36 5.13
C VAL A 153 13.17 -4.45 6.61
N TYR A 154 12.16 -4.74 7.42
CA TYR A 154 12.29 -4.83 8.86
C TYR A 154 12.01 -6.23 9.36
N LEU A 155 12.98 -6.79 10.08
CA LEU A 155 12.88 -8.14 10.65
C LEU A 155 12.58 -8.01 12.12
N THR A 156 11.47 -8.60 12.54
CA THR A 156 10.96 -8.35 13.88
C THR A 156 10.55 -9.63 14.59
N SER A 157 10.53 -9.58 15.92
CA SER A 157 10.05 -10.68 16.73
C SER A 157 8.55 -10.46 16.91
N SER A 158 7.78 -11.54 17.08
CA SER A 158 6.33 -11.39 17.32
C SER A 158 6.05 -10.40 18.46
N LYS A 159 6.20 -10.84 19.71
CA LYS A 159 5.95 -9.98 20.89
C LYS A 159 6.84 -8.76 21.16
N ASP A 160 7.17 -8.05 20.16
CA ASP A 160 8.24 -7.05 20.09
C ASP A 160 7.89 -6.12 18.92
N GLN A 161 7.75 -6.73 17.75
CA GLN A 161 7.16 -6.07 16.59
C GLN A 161 5.81 -5.51 16.93
N ASP A 162 5.11 -6.11 17.88
CA ASP A 162 3.89 -5.52 18.43
C ASP A 162 4.08 -4.02 18.75
N SER A 163 5.29 -3.66 19.20
CA SER A 163 5.66 -2.26 19.40
C SER A 163 5.81 -1.50 18.08
N LEU A 164 6.19 -2.20 17.01
CA LEU A 164 6.29 -1.63 15.65
C LEU A 164 7.35 -0.51 15.55
N ALA A 165 8.39 -0.60 16.39
CA ALA A 165 9.36 0.49 16.57
C ALA A 165 9.92 1.05 15.26
N ASP A 166 10.30 0.18 14.33
CA ASP A 166 10.95 0.65 13.11
C ASP A 166 9.96 1.05 12.03
N ILE A 167 8.71 0.61 12.18
CA ILE A 167 7.64 0.91 11.22
C ILE A 167 6.99 2.26 11.52
N ILE A 168 6.72 2.51 12.80
CA ILE A 168 6.00 3.71 13.25
C ILE A 168 6.51 5.02 12.66
N PRO A 169 7.84 5.23 12.60
CA PRO A 169 8.39 6.46 12.00
C PRO A 169 7.91 6.74 10.58
N HIS A 170 7.63 5.68 9.82
CA HIS A 170 7.10 5.82 8.46
C HIS A 170 5.67 6.36 8.41
N PHE A 171 4.94 6.31 9.51
CA PHE A 171 3.53 6.74 9.48
C PHE A 171 3.37 8.24 9.30
N GLN A 172 4.31 9.02 9.82
CA GLN A 172 4.16 10.47 9.88
C GLN A 172 3.86 11.08 8.52
N ASP A 173 2.80 11.88 8.48
CA ASP A 173 2.42 12.65 7.29
C ASP A 173 2.20 11.76 6.06
N LYS A 174 1.76 10.52 6.30
CA LYS A 174 1.40 9.61 5.25
C LYS A 174 0.08 8.93 5.62
N THR A 175 -0.58 8.38 4.58
CA THR A 175 -1.67 7.44 4.71
C THR A 175 -1.14 6.06 4.34
N THR A 176 -1.33 5.10 5.26
CA THR A 176 -0.75 3.78 5.17
C THR A 176 -1.82 2.72 5.31
N VAL A 177 -1.67 1.65 4.55
CA VAL A 177 -2.44 0.43 4.71
C VAL A 177 -1.51 -0.73 5.03
N PHE A 178 -2.03 -1.69 5.78
CA PHE A 178 -1.37 -2.97 6.05
C PHE A 178 -1.96 -4.04 5.14
N ALA A 179 -1.10 -4.92 4.65
CA ALA A 179 -1.52 -6.09 3.88
C ALA A 179 -0.49 -7.20 4.06
N GLY A 180 -0.70 -8.33 3.37
CA GLY A 180 0.20 -9.47 3.46
C GLY A 180 -0.57 -10.67 3.95
N GLN A 181 0.11 -11.53 4.70
CA GLN A 181 -0.52 -12.72 5.24
C GLN A 181 -1.65 -12.29 6.18
N SER A 182 -2.76 -13.03 6.15
CA SER A 182 -3.94 -12.63 6.93
C SER A 182 -3.67 -12.59 8.43
N GLY A 183 -3.05 -13.64 8.96
CA GLY A 183 -2.78 -13.76 10.40
C GLY A 183 -1.89 -12.66 10.93
N VAL A 184 -0.65 -12.61 10.47
CA VAL A 184 0.31 -11.60 10.96
C VAL A 184 -0.04 -10.18 10.52
N GLY A 185 -0.65 -10.07 9.34
CA GLY A 185 -1.08 -8.76 8.84
C GLY A 185 -2.10 -8.12 9.76
N LYS A 186 -3.10 -8.89 10.18
CA LYS A 186 -4.14 -8.38 11.08
C LYS A 186 -3.59 -8.07 12.46
N SER A 187 -2.75 -8.95 13.00
CA SER A 187 -2.22 -8.75 14.36
C SER A 187 -1.28 -7.54 14.43
N SER A 188 -0.45 -7.38 13.40
CA SER A 188 0.42 -6.19 13.31
C SER A 188 -0.42 -4.92 13.21
N LEU A 189 -1.48 -4.96 12.42
CA LEU A 189 -2.34 -3.82 12.22
C LEU A 189 -3.03 -3.39 13.50
N LEU A 190 -3.55 -4.37 14.25
CA LEU A 190 -4.20 -4.07 15.52
C LEU A 190 -3.19 -3.39 16.46
N ASN A 191 -1.98 -3.95 16.51
CA ASN A 191 -0.88 -3.34 17.27
C ASN A 191 -0.61 -1.88 16.86
N ALA A 192 -0.67 -1.61 15.55
CA ALA A 192 -0.45 -0.27 15.03
C ALA A 192 -1.48 0.73 15.53
N ILE A 193 -2.75 0.35 15.49
CA ILE A 193 -3.85 1.29 15.77
C ILE A 193 -4.35 1.24 17.22
N SER A 194 -3.68 0.48 18.07
CA SER A 194 -3.95 0.47 19.51
C SER A 194 -3.72 1.87 20.10
N PRO A 195 -4.53 2.27 21.09
CA PRO A 195 -4.70 3.67 21.48
C PRO A 195 -3.61 4.62 21.03
N THR A 215 -19.88 -6.72 7.55
CA THR A 215 -18.63 -5.99 7.56
C THR A 215 -18.80 -4.59 8.14
N ARG A 216 -17.76 -4.08 8.78
CA ARG A 216 -17.67 -2.67 9.17
C ARG A 216 -16.99 -1.90 8.05
N HIS A 217 -17.30 -0.61 7.93
CA HIS A 217 -16.64 0.21 6.92
C HIS A 217 -15.26 0.59 7.41
N VAL A 218 -14.31 0.63 6.48
CA VAL A 218 -12.94 1.06 6.77
C VAL A 218 -12.90 2.48 7.32
N GLU A 219 -12.02 2.71 8.27
CA GLU A 219 -11.68 4.04 8.77
C GLU A 219 -10.17 4.23 8.77
N LEU A 220 -9.74 5.48 8.66
CA LEU A 220 -8.35 5.85 8.87
C LEU A 220 -8.20 6.33 10.31
N ILE A 221 -7.22 5.77 10.99
CA ILE A 221 -6.95 6.07 12.38
C ILE A 221 -5.77 7.02 12.44
N HIS A 222 -5.95 8.12 13.16
CA HIS A 222 -4.93 9.14 13.27
C HIS A 222 -3.95 8.70 14.34
N THR A 223 -2.72 8.38 13.93
CA THR A 223 -1.73 7.83 14.83
C THR A 223 -0.29 8.13 14.39
N SER A 224 0.54 8.50 15.37
CA SER A 224 1.96 8.82 15.15
C SER A 224 2.16 9.81 14.00
N GLY A 225 1.29 10.81 13.94
CA GLY A 225 1.41 11.90 13.00
C GLY A 225 0.91 11.61 11.60
N GLY A 226 0.32 10.43 11.40
CA GLY A 226 -0.23 10.06 10.11
C GLY A 226 -1.52 9.29 10.25
N LEU A 227 -1.96 8.68 9.15
CA LEU A 227 -3.20 7.94 9.11
C LEU A 227 -2.92 6.50 8.71
N VAL A 228 -3.56 5.58 9.42
CA VAL A 228 -3.42 4.16 9.17
C VAL A 228 -4.81 3.54 9.03
N ALA A 229 -5.05 2.86 7.91
CA ALA A 229 -6.35 2.21 7.69
C ALA A 229 -6.56 1.06 8.66
N ASP A 230 -7.77 0.92 9.17
CA ASP A 230 -8.08 -0.08 10.21
C ASP A 230 -8.52 -1.44 9.65
N THR A 231 -8.44 -1.59 8.33
CA THR A 231 -8.77 -2.82 7.61
C THR A 231 -7.60 -3.17 6.69
N PRO A 232 -7.19 -4.44 6.59
CA PRO A 232 -6.14 -4.79 5.63
C PRO A 232 -6.54 -4.54 4.19
N GLY A 233 -5.56 -4.20 3.36
CA GLY A 233 -5.77 -4.03 1.93
C GLY A 233 -5.46 -5.28 1.14
N PHE A 234 -5.78 -5.23 -0.15
CA PHE A 234 -5.37 -6.26 -1.11
C PHE A 234 -5.84 -7.66 -0.73
N SER A 235 -7.12 -7.76 -0.37
CA SER A 235 -7.70 -9.02 0.07
C SER A 235 -7.85 -10.03 -1.06
N SER A 236 -7.91 -9.55 -2.30
CA SER A 236 -7.81 -10.43 -3.47
C SER A 236 -6.61 -10.02 -4.32
N LEU A 237 -5.85 -11.00 -4.77
CA LEU A 237 -4.59 -10.72 -5.43
C LEU A 237 -4.62 -10.91 -6.94
N GLU A 238 -5.78 -10.81 -7.57
CA GLU A 238 -5.84 -10.95 -9.04
C GLU A 238 -5.11 -9.81 -9.74
N PHE A 239 -4.44 -10.11 -10.86
CA PHE A 239 -3.77 -9.09 -11.68
C PHE A 239 -4.67 -8.51 -12.80
N THR A 240 -5.99 -8.55 -12.63
CA THR A 240 -6.94 -8.20 -13.71
C THR A 240 -6.66 -6.91 -14.50
N ASP A 241 -6.18 -5.87 -13.82
CA ASP A 241 -6.01 -4.56 -14.46
C ASP A 241 -4.57 -4.34 -14.95
N ILE A 242 -3.72 -5.35 -14.81
CA ILE A 242 -2.33 -5.27 -15.24
C ILE A 242 -2.13 -5.94 -16.60
N GLU A 243 -1.63 -5.19 -17.56
CA GLU A 243 -1.33 -5.73 -18.89
C GLU A 243 0.12 -6.17 -18.98
N GLU A 244 0.43 -7.00 -19.97
CA GLU A 244 1.74 -7.66 -20.10
C GLU A 244 2.89 -6.66 -20.13
N GLU A 245 2.69 -5.57 -20.85
CA GLU A 245 3.74 -4.56 -21.01
C GLU A 245 3.91 -3.72 -19.74
N GLU A 246 2.93 -3.72 -18.84
CA GLU A 246 2.98 -2.96 -17.59
C GLU A 246 3.68 -3.73 -16.46
N LEU A 247 3.69 -5.05 -16.53
CA LEU A 247 4.15 -5.85 -15.41
C LEU A 247 5.61 -5.55 -15.01
N GLY A 248 6.49 -5.41 -15.99
CA GLY A 248 7.89 -5.23 -15.68
C GLY A 248 8.18 -3.98 -14.88
N TYR A 249 7.33 -2.95 -15.05
CA TYR A 249 7.50 -1.71 -14.28
C TYR A 249 7.31 -1.89 -12.77
N THR A 250 6.65 -2.97 -12.36
CA THR A 250 6.38 -3.19 -10.93
C THR A 250 7.51 -3.94 -10.23
N PHE A 251 8.49 -4.40 -11.01
CA PHE A 251 9.72 -5.00 -10.50
C PHE A 251 10.83 -3.96 -10.73
N PRO A 252 11.18 -3.17 -9.72
CA PRO A 252 12.16 -2.09 -9.95
C PRO A 252 13.49 -2.59 -10.53
N ASP A 253 13.90 -3.80 -10.14
CA ASP A 253 15.13 -4.40 -10.66
C ASP A 253 15.03 -4.72 -12.16
N ILE A 254 13.96 -5.39 -12.57
CA ILE A 254 13.70 -5.70 -13.98
C ILE A 254 13.51 -4.41 -14.76
N ARG A 255 12.73 -3.49 -14.20
CA ARG A 255 12.47 -2.19 -14.82
C ARG A 255 13.76 -1.46 -15.19
N GLU A 256 14.69 -1.39 -14.25
CA GLU A 256 15.96 -0.70 -14.49
C GLU A 256 16.84 -1.41 -15.51
N LYS A 257 16.85 -2.74 -15.47
CA LYS A 257 17.65 -3.48 -16.44
C LYS A 257 17.08 -3.44 -17.85
N SER A 258 15.77 -3.20 -17.97
CA SER A 258 15.08 -3.20 -19.27
C SER A 258 15.57 -2.09 -20.21
N SER A 259 16.26 -1.10 -19.66
CA SER A 259 16.84 -0.03 -20.48
C SER A 259 17.85 -0.54 -21.52
N SER A 260 18.50 -1.66 -21.20
CA SER A 260 19.56 -2.22 -22.03
C SER A 260 19.11 -3.31 -23.02
N CYS A 261 17.83 -3.70 -22.97
CA CYS A 261 17.32 -4.70 -23.90
C CYS A 261 17.41 -4.20 -25.35
N LYS A 262 17.81 -5.05 -26.27
CA LYS A 262 17.96 -4.64 -27.67
C LYS A 262 16.65 -4.13 -28.25
N PHE A 263 15.60 -4.95 -28.15
CA PHE A 263 14.30 -4.59 -28.72
C PHE A 263 13.49 -3.74 -27.75
N ARG A 264 12.81 -2.71 -28.27
CA ARG A 264 11.97 -1.86 -27.43
C ARG A 264 10.67 -2.58 -27.09
N GLY A 265 10.18 -2.37 -25.88
CA GLY A 265 9.05 -3.12 -25.36
C GLY A 265 9.36 -4.59 -25.11
N CYS A 266 10.64 -4.92 -24.92
CA CYS A 266 11.04 -6.30 -24.64
C CYS A 266 10.24 -6.74 -23.42
N LEU A 267 9.62 -7.92 -23.51
CA LEU A 267 8.90 -8.51 -22.37
C LEU A 267 9.79 -9.46 -21.57
N HIS A 268 11.02 -9.66 -22.03
CA HIS A 268 12.04 -10.44 -21.32
C HIS A 268 11.63 -11.90 -21.20
N LEU A 269 11.00 -12.40 -22.27
CA LEU A 269 10.57 -13.79 -22.34
C LEU A 269 11.43 -14.54 -23.37
N LYS A 270 11.06 -14.57 -24.66
CA LYS A 270 11.84 -15.30 -25.69
C LYS A 270 12.67 -14.40 -26.60
N GLU A 271 12.70 -13.11 -26.32
CA GLU A 271 13.44 -12.14 -27.12
C GLU A 271 14.95 -12.38 -27.01
N PRO A 272 15.68 -12.23 -28.10
CA PRO A 272 17.14 -12.31 -28.02
C PRO A 272 17.74 -10.98 -27.55
N LYS A 273 18.97 -11.04 -27.02
CA LYS A 273 19.69 -9.85 -26.55
C LYS A 273 18.89 -9.05 -25.52
N CYS A 274 18.23 -9.78 -24.63
CA CYS A 274 17.50 -9.23 -23.52
C CYS A 274 18.47 -9.02 -22.37
N ALA A 275 18.52 -7.78 -21.86
CA ALA A 275 19.39 -7.44 -20.74
C ALA A 275 18.92 -8.00 -19.39
N VAL A 276 17.63 -8.26 -19.27
CA VAL A 276 17.05 -8.78 -18.03
C VAL A 276 17.49 -10.23 -17.89
N LYS A 277 17.32 -11.02 -18.96
CA LYS A 277 17.75 -12.40 -18.94
C LYS A 277 19.27 -12.53 -18.71
N GLN A 278 20.04 -11.65 -19.34
CA GLN A 278 21.50 -11.65 -19.16
C GLN A 278 21.87 -11.33 -17.71
N ALA A 279 21.13 -10.42 -17.09
CA ALA A 279 21.38 -10.04 -15.70
C ALA A 279 21.09 -11.21 -14.77
N VAL A 280 20.07 -11.99 -15.08
CA VAL A 280 19.76 -13.19 -14.29
C VAL A 280 20.89 -14.20 -14.41
N GLU A 281 21.39 -14.39 -15.63
CA GLU A 281 22.51 -15.30 -15.87
C GLU A 281 23.76 -14.93 -15.09
N ASP A 282 24.01 -13.62 -14.95
CA ASP A 282 25.18 -13.05 -14.27
C ASP A 282 25.03 -12.97 -12.75
N GLY A 283 23.81 -13.14 -12.24
CA GLY A 283 23.54 -12.98 -10.82
C GLY A 283 23.25 -11.55 -10.40
N GLU A 284 23.12 -10.66 -11.38
CA GLU A 284 22.81 -9.25 -11.13
C GLU A 284 21.32 -9.02 -10.81
N LEU A 285 20.47 -9.95 -11.24
CA LEU A 285 19.07 -10.01 -10.83
C LEU A 285 18.87 -11.38 -10.21
N LYS A 286 18.12 -11.45 -9.11
CA LYS A 286 17.85 -12.72 -8.46
C LYS A 286 17.02 -13.66 -9.35
N GLN A 287 17.45 -14.91 -9.44
CA GLN A 287 16.71 -15.92 -10.19
C GLN A 287 15.21 -15.99 -9.83
N TYR A 288 14.90 -16.00 -8.53
CA TYR A 288 13.52 -16.15 -8.11
C TYR A 288 12.64 -14.97 -8.53
N ARG A 289 13.23 -13.77 -8.58
CA ARG A 289 12.50 -12.58 -9.02
C ARG A 289 12.08 -12.76 -10.47
N TYR A 290 13.02 -13.16 -11.31
CA TYR A 290 12.71 -13.42 -12.70
C TYR A 290 11.70 -14.56 -12.84
N ASP A 291 11.88 -15.62 -12.06
CA ASP A 291 10.97 -16.78 -12.14
C ASP A 291 9.54 -16.34 -11.84
N HIS A 292 9.39 -15.49 -10.84
CA HIS A 292 8.06 -15.00 -10.49
C HIS A 292 7.49 -14.07 -11.55
N TYR A 293 8.32 -13.16 -12.06
CA TYR A 293 7.95 -12.34 -13.22
C TYR A 293 7.37 -13.21 -14.34
N VAL A 294 8.06 -14.27 -14.74
CA VAL A 294 7.59 -15.13 -15.84
C VAL A 294 6.28 -15.85 -15.50
N GLU A 295 6.19 -16.33 -14.27
CA GLU A 295 4.95 -16.94 -13.78
C GLU A 295 3.76 -15.99 -13.83
N PHE A 296 3.99 -14.72 -13.46
CA PHE A 296 2.93 -13.73 -13.42
C PHE A 296 2.54 -13.32 -14.83
N MET A 297 3.54 -13.26 -15.71
CA MET A 297 3.33 -13.00 -17.13
C MET A 297 2.40 -14.05 -17.75
N THR A 298 2.67 -15.30 -17.44
CA THR A 298 1.85 -16.41 -17.92
C THR A 298 0.40 -16.26 -17.43
N GLU A 299 0.23 -15.88 -16.17
CA GLU A 299 -1.09 -15.68 -15.58
C GLU A 299 -1.85 -14.56 -16.25
N ILE A 300 -1.15 -13.46 -16.55
CA ILE A 300 -1.73 -12.37 -17.31
C ILE A 300 -2.12 -12.81 -18.70
N LYS A 301 -1.23 -13.51 -19.38
CA LYS A 301 -1.50 -13.96 -20.75
C LYS A 301 -2.66 -14.97 -20.83
N ASP A 302 -2.79 -15.79 -19.80
CA ASP A 302 -3.82 -16.84 -19.76
C ASP A 302 -5.23 -16.30 -19.56
N ARG A 303 -5.37 -15.01 -19.27
CA ARG A 303 -6.67 -14.34 -19.25
C ARG A 303 -7.40 -14.39 -20.58
N LYS A 304 -6.63 -14.49 -21.67
CA LYS A 304 -7.18 -14.26 -22.98
C LYS A 304 -6.77 -15.37 -23.93
N PRO A 305 -7.51 -15.55 -25.01
CA PRO A 305 -7.09 -16.50 -26.05
C PRO A 305 -5.76 -16.09 -26.66
N ARG A 306 -4.99 -17.09 -27.08
CA ARG A 306 -3.66 -16.89 -27.67
C ARG A 306 -3.68 -17.28 -29.16
N TYR A 307 -2.99 -16.50 -29.98
CA TYR A 307 -2.99 -16.66 -31.44
C TYR A 307 -1.60 -16.48 -32.01
U IUM B . 6.24 7.47 -10.32
O1 IUM B . 6.88 6.78 -11.88
O2 IUM B . 5.60 8.17 -8.77
U IUM C . 8.29 1.48 -6.38
O1 IUM C . 7.62 1.98 -4.76
O2 IUM C . 8.97 0.99 -7.99
U IUM D . 11.53 4.10 -6.17
O1 IUM D . 11.06 4.80 -4.56
O2 IUM D . 12.06 3.36 -7.74
U IUM E . 15.07 5.89 -6.66
O1 IUM E . 15.13 4.70 -8.02
O2 IUM E . 15.03 7.04 -5.26
U IUM F . 15.47 8.90 -9.13
O1 IUM F . 15.42 9.98 -7.71
O2 IUM F . 15.62 7.79 -10.55
U IUM G . 11.96 7.27 -8.12
O1 IUM G . 11.79 8.46 -6.76
O2 IUM G . 11.88 6.32 -9.63
U IUM H . 2.12 7.56 -10.59
O1 IUM H . 1.64 6.68 -12.11
O2 IUM H . 2.62 8.29 -9.02
U IUM I . 8.29 4.91 -7.94
O1 IUM I . 9.07 4.30 -9.44
O2 IUM I . 7.55 5.67 -6.46
ZN ZN J . 14.42 -7.81 -22.13
CA CA K . 14.61 2.29 6.86
CA CA L . 13.64 4.22 -14.95
CA CA M . -14.54 4.21 14.91
CA CA N . 4.88 -20.17 -7.94
C ACT O . 11.25 0.83 -5.09
O ACT O . 11.54 2.00 -5.38
OXT ACT O . 10.11 0.50 -5.40
CH3 ACT O . 12.20 -0.12 -4.44
C ACT P . 9.09 8.08 -9.08
O ACT P . 10.14 8.42 -8.53
OXT ACT P . 8.61 6.96 -8.83
CH3 ACT P . 8.42 8.95 -10.06
C ACT Q . 14.95 3.53 -4.76
O ACT Q . 15.95 4.27 -4.87
OXT ACT Q . 13.91 3.87 -5.35
CH3 ACT Q . 15.04 2.28 -3.94
#